data_7ZUI
#
_entry.id   7ZUI
#
_cell.length_a   96.025
_cell.length_b   149.061
_cell.length_c   99.226
_cell.angle_alpha   90.000
_cell.angle_beta   90.000
_cell.angle_gamma   90.000
#
_symmetry.space_group_name_H-M   'C 2 2 21'
#
loop_
_entity.id
_entity.type
_entity.pdbx_description
1 polymer 'Penicillin-binding protein 1b'
2 non-polymer 6-azido-N-[(2R)-1-oxidanylidene-1-[[(2S,3R)-3-oxidanyl-1-oxidanylidene-butan-2-yl]amino]propan-2-yl]hexanamide
3 non-polymer 'CHLORIDE ION'
4 non-polymer 'DIMETHYL SULFOXIDE'
5 water water
#
_entity_poly.entity_id   1
_entity_poly.type   'polypeptide(L)'
_entity_poly.pdbx_seq_one_letter_code
;MQNQLNELKRKMLEFFQQKQKNKKSARPGKKGSSTKKSKTLDKSAIFPAILLSIKALFNLLFVLGFLGGMLGAGIALGYG
VALFDKVRVPQTEELVNQVKDISSISEITYSDGTVIASIESDLLRTSISSEQISENLKKAIIATEDEHFKEHKGVVPKAV
IRATLGKFVGLGSSSGGSTLTQQLIKQQVVGDAPTLARKAAEIVDALALERAMNKDEILTTYLNVAPFGRNNKGQNIAGA
RQAAEGIFGVDASQLTVPQAAFLAGLPQSPITYSPYENTGELKSDEDLEIGLRRAKAVLYSMYRTGALSKDEYSQYKDYD
LKQDFLPSGTVTGISRDYLYFTTLAEAQERMYDYLAQRDNVSAKELKNEATQKFYRDLAAKEIENGGYKITTTIDQKIHS
AMQSAVADYGYLLDDGTGRVEVGNVLMDNQTGAILGFVGGRNYQENQNNHAFDTKRSPASTTKPLLAYGIAIDQGLMGSE
TILSNYPTNFANGNPIMYANSKGTGMMTLGEALNYSWNIPAYWTYRMLRENGVDVKGYMEKMGYEIPEYGIESLPMGGGI
EVTVAQHTNGYQTLANNGVYHQKHVISKIEAADGRVVYEYQDKPVQVYSKATATIMQGLLREVLSSRVTTTFKSNLTSLN
PTLANADWIGKTGTTGQDENMWLMLSTPRLTLGGWIGHDDNHSLSQQAGYSNNSNYMAHLVNAIQQASPSIWGNERFALD
PSVVKSEVLKSTGQKPGKVSVEGKEVEVTGSTVTSYWANKSGAPATSYRFAIGGSDADYQNAWSSIVGSLPTPSSSSSSS
SSSSDSSNSSTTRPSSSRARR
;
_entity_poly.pdbx_strand_id   AAA
#
# COMPACT_ATOMS: atom_id res chain seq x y z
N ASP A 337 -22.63 0.27 -16.15
CA ASP A 337 -21.39 1.01 -15.94
C ASP A 337 -20.37 0.09 -15.23
N TYR A 338 -19.37 0.63 -14.51
CA TYR A 338 -18.20 -0.22 -14.11
C TYR A 338 -18.68 -1.28 -13.11
N LEU A 339 -19.60 -0.86 -12.25
CA LEU A 339 -20.08 -1.70 -11.13
C LEU A 339 -20.89 -2.86 -11.70
N TYR A 340 -21.75 -2.58 -12.68
CA TYR A 340 -22.57 -3.62 -13.35
C TYR A 340 -21.64 -4.72 -13.88
N PHE A 341 -20.63 -4.36 -14.67
CA PHE A 341 -19.78 -5.36 -15.36
C PHE A 341 -18.82 -6.04 -14.37
N THR A 342 -18.30 -5.33 -13.37
CA THR A 342 -17.37 -5.92 -12.37
C THR A 342 -18.13 -6.99 -11.58
N THR A 343 -19.30 -6.63 -11.15
CA THR A 343 -20.21 -7.51 -10.34
C THR A 343 -20.60 -8.71 -11.18
N LEU A 344 -21.00 -8.50 -12.44
CA LEU A 344 -21.45 -9.59 -13.32
C LEU A 344 -20.28 -10.56 -13.52
N ALA A 345 -19.09 -10.05 -13.80
CA ALA A 345 -17.89 -10.89 -14.04
C ALA A 345 -17.63 -11.75 -12.80
N GLU A 346 -17.68 -11.18 -11.60
CA GLU A 346 -17.39 -11.93 -10.35
C GLU A 346 -18.50 -12.95 -10.13
N ALA A 347 -19.75 -12.56 -10.33
CA ALA A 347 -20.91 -13.46 -10.12
C ALA A 347 -20.81 -14.64 -11.10
N GLN A 348 -20.45 -14.37 -12.34
CA GLN A 348 -20.27 -15.42 -13.38
C GLN A 348 -19.18 -16.41 -12.93
N GLU A 349 -18.08 -15.95 -12.35
CA GLU A 349 -17.00 -16.87 -11.90
C GLU A 349 -17.51 -17.73 -10.75
N ARG A 350 -18.27 -17.14 -9.84
CA ARG A 350 -18.80 -17.88 -8.65
C ARG A 350 -19.85 -18.88 -9.16
N MET A 351 -20.66 -18.49 -10.13
CA MET A 351 -21.69 -19.39 -10.70
C MET A 351 -20.99 -20.54 -11.42
N TYR A 352 -19.88 -20.27 -12.11
CA TYR A 352 -19.10 -21.30 -12.82
C TYR A 352 -18.68 -22.37 -11.81
N ASP A 353 -18.10 -21.95 -10.68
CA ASP A 353 -17.61 -22.89 -9.64
C ASP A 353 -18.80 -23.70 -9.10
N TYR A 354 -19.92 -23.02 -8.87
CA TYR A 354 -21.13 -23.65 -8.27
C TYR A 354 -21.65 -24.74 -9.21
N LEU A 355 -21.78 -24.41 -10.50
CA LEU A 355 -22.41 -25.30 -11.50
C LEU A 355 -21.50 -26.51 -11.72
N ALA A 356 -20.19 -26.30 -11.80
CA ALA A 356 -19.22 -27.40 -11.99
C ALA A 356 -19.34 -28.36 -10.80
N GLN A 357 -19.42 -27.84 -9.59
CA GLN A 357 -19.52 -28.68 -8.36
C GLN A 357 -20.89 -29.36 -8.35
N ARG A 358 -21.94 -28.64 -8.72
CA ARG A 358 -23.32 -29.16 -8.73
C ARG A 358 -23.40 -30.37 -9.67
N ASP A 359 -22.76 -30.28 -10.83
CA ASP A 359 -22.83 -31.30 -11.90
C ASP A 359 -21.75 -32.35 -11.67
N ASN A 360 -21.04 -32.27 -10.56
CA ASN A 360 -20.02 -33.28 -10.15
C ASN A 360 -18.92 -33.35 -11.21
N VAL A 361 -18.52 -32.21 -11.76
CA VAL A 361 -17.38 -32.17 -12.72
C VAL A 361 -16.07 -32.21 -11.92
N SER A 362 -15.21 -33.18 -12.20
CA SER A 362 -13.89 -33.38 -11.55
C SER A 362 -12.98 -32.17 -11.84
N ALA A 363 -11.91 -31.99 -11.05
CA ALA A 363 -10.84 -31.01 -11.30
C ALA A 363 -10.20 -31.30 -12.66
N LYS A 364 -10.04 -32.59 -12.99
CA LYS A 364 -9.42 -33.04 -14.26
C LYS A 364 -10.35 -32.70 -15.43
N GLU A 365 -11.64 -33.01 -15.32
CA GLU A 365 -12.64 -32.71 -16.36
C GLU A 365 -12.63 -31.21 -16.63
N LEU A 366 -12.45 -30.40 -15.58
CA LEU A 366 -12.50 -28.92 -15.65
C LEU A 366 -11.28 -28.38 -16.40
N LYS A 367 -10.23 -29.19 -16.56
CA LYS A 367 -9.01 -28.78 -17.30
C LYS A 367 -9.28 -28.80 -18.80
N ASN A 368 -10.35 -29.45 -19.23
CA ASN A 368 -10.69 -29.61 -20.67
C ASN A 368 -11.28 -28.29 -21.17
N GLU A 369 -10.69 -27.69 -22.21
CA GLU A 369 -11.05 -26.33 -22.70
C GLU A 369 -12.53 -26.30 -23.11
N ALA A 370 -13.01 -27.35 -23.77
CA ALA A 370 -14.41 -27.41 -24.28
C ALA A 370 -15.36 -27.44 -23.07
N THR A 371 -15.01 -28.19 -22.03
CA THR A 371 -15.83 -28.27 -20.80
C THR A 371 -15.84 -26.91 -20.11
N GLN A 372 -14.71 -26.24 -20.00
CA GLN A 372 -14.63 -24.89 -19.37
C GLN A 372 -15.53 -23.93 -20.15
N LYS A 373 -15.46 -23.94 -21.47
CA LYS A 373 -16.23 -23.01 -22.33
C LYS A 373 -17.71 -23.23 -22.05
N PHE A 374 -18.12 -24.49 -21.99
CA PHE A 374 -19.52 -24.87 -21.74
C PHE A 374 -19.97 -24.28 -20.39
N TYR A 375 -19.19 -24.49 -19.33
CA TYR A 375 -19.56 -24.08 -17.97
C TYR A 375 -19.51 -22.55 -17.85
N ARG A 376 -18.57 -21.88 -18.53
CA ARG A 376 -18.56 -20.40 -18.56
C ARG A 376 -19.85 -19.90 -19.23
N ASP A 377 -20.24 -20.51 -20.35
CA ASP A 377 -21.47 -20.13 -21.10
CA ASP A 377 -21.46 -20.10 -21.09
C ASP A 377 -22.70 -20.41 -20.24
N LEU A 378 -22.74 -21.58 -19.60
CA LEU A 378 -23.88 -21.98 -18.73
C LEU A 378 -23.98 -20.97 -17.57
N ALA A 379 -22.86 -20.61 -16.95
CA ALA A 379 -22.82 -19.63 -15.82
C ALA A 379 -23.40 -18.30 -16.28
N ALA A 380 -23.02 -17.81 -17.46
CA ALA A 380 -23.51 -16.53 -18.01
C ALA A 380 -25.02 -16.63 -18.22
N LYS A 381 -25.50 -17.70 -18.86
CA LYS A 381 -26.96 -17.84 -19.14
C LYS A 381 -27.73 -17.98 -17.83
N GLU A 382 -27.16 -18.67 -16.83
CA GLU A 382 -27.84 -18.87 -15.51
C GLU A 382 -28.09 -17.50 -14.87
N ILE A 383 -27.08 -16.62 -14.87
CA ILE A 383 -27.20 -15.25 -14.31
C ILE A 383 -28.22 -14.48 -15.16
N GLU A 384 -28.04 -14.50 -16.48
CA GLU A 384 -28.89 -13.72 -17.41
C GLU A 384 -30.36 -14.08 -17.20
N ASN A 385 -30.65 -15.38 -17.03
CA ASN A 385 -32.02 -15.95 -17.21
C ASN A 385 -32.61 -16.35 -15.85
N GLY A 386 -31.77 -16.51 -14.81
CA GLY A 386 -32.02 -17.44 -13.68
C GLY A 386 -32.66 -16.75 -12.46
N GLY A 387 -32.76 -15.42 -12.46
CA GLY A 387 -33.37 -14.65 -11.34
C GLY A 387 -32.64 -14.88 -10.01
N TYR A 388 -31.31 -15.01 -10.03
CA TYR A 388 -30.49 -15.02 -8.81
C TYR A 388 -30.50 -13.64 -8.17
N LYS A 389 -30.33 -13.61 -6.85
CA LYS A 389 -30.12 -12.38 -6.06
C LYS A 389 -28.64 -12.30 -5.72
N ILE A 390 -27.97 -11.28 -6.24
CA ILE A 390 -26.55 -11.03 -5.93
C ILE A 390 -26.46 -9.92 -4.88
N THR A 391 -25.99 -10.24 -3.68
CA THR A 391 -25.77 -9.27 -2.60
C THR A 391 -24.33 -8.78 -2.69
N THR A 392 -24.13 -7.48 -2.81
CA THR A 392 -22.77 -6.90 -2.84
C THR A 392 -22.48 -6.15 -1.55
N THR A 393 -21.22 -5.77 -1.38
CA THR A 393 -20.70 -4.98 -0.25
C THR A 393 -20.84 -3.49 -0.57
N ILE A 394 -21.27 -3.15 -1.79
CA ILE A 394 -21.31 -1.74 -2.26
C ILE A 394 -22.28 -0.97 -1.38
N ASP A 395 -21.82 0.17 -0.87
CA ASP A 395 -22.69 1.18 -0.24
C ASP A 395 -23.22 2.10 -1.33
N GLN A 396 -24.49 1.97 -1.73
CA GLN A 396 -24.95 2.62 -2.97
C GLN A 396 -24.77 4.15 -2.84
N LYS A 397 -25.01 4.76 -1.68
CA LYS A 397 -24.89 6.24 -1.52
C LYS A 397 -23.44 6.63 -1.71
N ILE A 398 -22.51 5.87 -1.14
CA ILE A 398 -21.06 6.17 -1.22
C ILE A 398 -20.60 5.96 -2.67
N HIS A 399 -20.93 4.84 -3.28
CA HIS A 399 -20.50 4.54 -4.67
C HIS A 399 -21.02 5.62 -5.61
N SER A 400 -22.29 6.01 -5.45
CA SER A 400 -22.90 7.08 -6.27
C SER A 400 -22.15 8.39 -6.06
N ALA A 401 -21.80 8.71 -4.82
CA ALA A 401 -21.05 9.94 -4.48
C ALA A 401 -19.68 9.89 -5.16
N MET A 402 -19.06 8.72 -5.19
CA MET A 402 -17.74 8.56 -5.84
C MET A 402 -17.88 8.78 -7.35
N GLN A 403 -18.93 8.28 -7.99
CA GLN A 403 -19.18 8.52 -9.43
C GLN A 403 -19.36 10.02 -9.69
N SER A 404 -20.12 10.71 -8.84
CA SER A 404 -20.38 12.16 -8.96
C SER A 404 -19.08 12.92 -8.77
N ALA A 405 -18.23 12.49 -7.83
CA ALA A 405 -16.94 13.14 -7.55
C ALA A 405 -16.03 13.05 -8.78
N VAL A 406 -15.92 11.88 -9.41
CA VAL A 406 -14.99 11.78 -10.57
C VAL A 406 -15.63 12.52 -11.76
N ALA A 407 -16.96 12.53 -11.89
CA ALA A 407 -17.64 13.31 -12.97
C ALA A 407 -17.33 14.79 -12.77
N ASP A 408 -17.42 15.27 -11.54
CA ASP A 408 -17.35 16.72 -11.24
C ASP A 408 -15.89 17.17 -11.17
N TYR A 409 -14.99 16.35 -10.62
CA TYR A 409 -13.62 16.78 -10.24
C TYR A 409 -12.53 15.98 -10.94
N GLY A 410 -12.87 15.01 -11.78
CA GLY A 410 -11.83 14.28 -12.52
C GLY A 410 -10.95 15.19 -13.35
N TYR A 411 -11.50 16.32 -13.82
CA TYR A 411 -10.74 17.26 -14.67
C TYR A 411 -9.56 17.83 -13.89
N LEU A 412 -9.59 17.78 -12.57
CA LEU A 412 -8.46 18.30 -11.74
C LEU A 412 -7.24 17.43 -11.99
N LEU A 413 -7.41 16.23 -12.54
CA LEU A 413 -6.27 15.33 -12.84
C LEU A 413 -5.55 15.77 -14.13
N ASP A 414 -6.25 16.48 -15.00
CA ASP A 414 -5.70 16.83 -16.33
C ASP A 414 -4.58 17.85 -16.14
N ASP A 415 -3.37 17.48 -16.55
CA ASP A 415 -2.12 18.17 -16.16
C ASP A 415 -1.36 18.59 -17.42
N GLY A 416 -2.00 18.56 -18.60
CA GLY A 416 -1.34 18.96 -19.85
C GLY A 416 -0.61 17.82 -20.54
N THR A 417 -0.88 16.57 -20.16
CA THR A 417 -0.37 15.36 -20.86
C THR A 417 -1.51 14.58 -21.49
N GLY A 418 -2.63 15.24 -21.77
CA GLY A 418 -3.84 14.58 -22.28
C GLY A 418 -4.72 14.13 -21.15
N ARG A 419 -5.88 13.59 -21.49
CA ARG A 419 -6.84 13.11 -20.47
C ARG A 419 -6.15 12.08 -19.57
N VAL A 420 -6.23 12.30 -18.28
CA VAL A 420 -5.62 11.39 -17.28
C VAL A 420 -6.68 10.41 -16.79
N GLU A 421 -6.35 9.12 -16.79
CA GLU A 421 -7.23 8.08 -16.27
C GLU A 421 -6.93 7.84 -14.80
N VAL A 422 -7.86 7.15 -14.15
CA VAL A 422 -7.95 7.12 -12.68
C VAL A 422 -8.63 5.83 -12.27
N GLY A 423 -8.15 5.27 -11.16
CA GLY A 423 -8.79 4.16 -10.47
C GLY A 423 -8.75 4.40 -8.98
N ASN A 424 -9.86 4.12 -8.30
CA ASN A 424 -9.92 4.23 -6.83
C ASN A 424 -10.72 3.08 -6.28
N VAL A 425 -10.33 2.60 -5.10
CA VAL A 425 -11.09 1.56 -4.39
C VAL A 425 -11.20 1.95 -2.93
N LEU A 426 -12.42 1.96 -2.40
CA LEU A 426 -12.70 2.26 -0.99
C LEU A 426 -13.05 0.96 -0.29
N MET A 427 -12.28 0.64 0.72
CA MET A 427 -12.35 -0.69 1.38
C MET A 427 -12.54 -0.52 2.88
N ASP A 428 -13.43 -1.32 3.45
CA ASP A 428 -13.64 -1.40 4.91
C ASP A 428 -12.47 -2.17 5.53
N ASN A 429 -11.75 -1.57 6.46
CA ASN A 429 -10.51 -2.16 7.01
C ASN A 429 -10.82 -3.43 7.82
N GLN A 430 -12.01 -3.51 8.42
CA GLN A 430 -12.31 -4.62 9.36
C GLN A 430 -12.85 -5.84 8.62
N THR A 431 -13.22 -5.71 7.35
CA THR A 431 -13.91 -6.79 6.58
C THR A 431 -13.27 -7.06 5.22
N GLY A 432 -12.56 -6.09 4.61
CA GLY A 432 -12.13 -6.20 3.21
C GLY A 432 -13.27 -5.94 2.21
N ALA A 433 -14.45 -5.59 2.70
CA ALA A 433 -15.60 -5.23 1.85
C ALA A 433 -15.23 -3.99 1.02
N ILE A 434 -15.54 -4.02 -0.25
CA ILE A 434 -15.40 -2.84 -1.14
C ILE A 434 -16.71 -2.06 -1.12
N LEU A 435 -16.67 -0.85 -0.58
CA LEU A 435 -17.86 0.01 -0.39
C LEU A 435 -18.15 0.79 -1.68
N GLY A 436 -17.14 1.08 -2.47
CA GLY A 436 -17.32 1.85 -3.70
C GLY A 436 -16.01 1.92 -4.42
N PHE A 437 -16.06 2.28 -5.69
CA PHE A 437 -14.83 2.41 -6.47
C PHE A 437 -15.05 3.37 -7.62
N VAL A 438 -13.94 3.84 -8.16
CA VAL A 438 -13.92 4.63 -9.42
C VAL A 438 -13.20 3.78 -10.48
N GLY A 439 -13.87 3.44 -11.57
CA GLY A 439 -13.27 2.61 -12.63
C GLY A 439 -12.53 3.45 -13.64
N GLY A 440 -12.84 4.75 -13.71
CA GLY A 440 -12.25 5.64 -14.71
C GLY A 440 -13.01 6.93 -14.81
N ARG A 441 -12.59 7.78 -15.73
CA ARG A 441 -13.11 9.15 -15.90
C ARG A 441 -14.58 9.10 -16.36
N ASN A 442 -14.93 8.17 -17.23
CA ASN A 442 -16.26 8.18 -17.92
C ASN A 442 -16.41 6.88 -18.74
N TYR A 443 -17.06 5.86 -18.16
CA TYR A 443 -17.33 4.55 -18.82
C TYR A 443 -17.80 4.76 -20.26
N GLN A 444 -18.67 5.74 -20.50
CA GLN A 444 -19.30 5.99 -21.83
C GLN A 444 -18.23 6.29 -22.88
N GLU A 445 -17.06 6.80 -22.46
CA GLU A 445 -16.00 7.24 -23.40
C GLU A 445 -14.86 6.22 -23.37
N ASN A 446 -14.67 5.50 -22.27
CA ASN A 446 -13.54 4.56 -22.12
C ASN A 446 -13.88 3.55 -21.03
N GLN A 447 -14.04 2.28 -21.41
CA GLN A 447 -14.64 1.23 -20.55
C GLN A 447 -13.58 0.54 -19.70
N ASN A 448 -12.28 0.78 -19.95
CA ASN A 448 -11.19 0.11 -19.21
C ASN A 448 -11.42 0.31 -17.71
N ASN A 449 -11.42 -0.76 -16.93
CA ASN A 449 -11.68 -0.68 -15.49
C ASN A 449 -10.34 -0.52 -14.77
N HIS A 450 -10.06 0.69 -14.33
CA HIS A 450 -8.75 1.04 -13.72
C HIS A 450 -8.73 0.67 -12.24
N ALA A 451 -9.83 0.15 -11.69
CA ALA A 451 -9.87 -0.27 -10.27
C ALA A 451 -9.51 -1.76 -10.16
N PHE A 452 -9.91 -2.59 -11.13
CA PHE A 452 -9.86 -4.07 -10.99
C PHE A 452 -9.09 -4.73 -12.12
N ASP A 453 -8.86 -4.05 -13.23
CA ASP A 453 -8.36 -4.70 -14.45
C ASP A 453 -6.92 -4.24 -14.70
N THR A 454 -6.68 -2.94 -14.68
CA THR A 454 -5.39 -2.30 -15.05
C THR A 454 -4.34 -2.67 -13.98
N LYS A 455 -3.17 -3.14 -14.40
CA LYS A 455 -2.07 -3.50 -13.46
C LYS A 455 -0.87 -2.64 -13.77
N ARG A 456 -0.36 -1.93 -12.77
CA ARG A 456 0.79 -1.03 -12.93
C ARG A 456 1.71 -1.21 -11.73
N SER A 457 2.97 -0.83 -11.87
CA SER A 457 3.92 -0.79 -10.74
C SER A 457 3.36 0.13 -9.67
N PRO A 458 3.33 -0.33 -8.41
CA PRO A 458 2.97 0.52 -7.27
C PRO A 458 4.10 1.43 -6.78
N ALA A 459 5.25 1.35 -7.43
CA ALA A 459 6.41 2.23 -7.16
C ALA A 459 6.64 2.28 -5.65
N SER A 460 6.82 3.46 -5.06
CA SER A 460 7.28 3.63 -3.66
C SER A 460 6.22 3.17 -2.65
N THR A 461 4.97 2.95 -3.08
CA THR A 461 3.92 2.44 -2.15
C THR A 461 4.20 0.98 -1.80
N THR A 462 5.17 0.35 -2.43
CA THR A 462 5.62 -1.03 -2.09
C THR A 462 6.42 -0.98 -0.78
N LYS A 463 7.10 0.13 -0.50
CA LYS A 463 8.15 0.17 0.55
C LYS A 463 7.60 -0.22 1.93
N PRO A 464 6.45 0.32 2.39
CA PRO A 464 5.98 0.00 3.73
C PRO A 464 5.64 -1.48 3.91
N LEU A 465 5.19 -2.13 2.84
CA LEU A 465 4.68 -3.53 2.89
C LEU A 465 5.85 -4.50 2.79
N LEU A 466 6.73 -4.30 1.82
CA LEU A 466 7.68 -5.32 1.37
C LEU A 466 9.05 -5.09 2.02
N ALA A 467 9.35 -3.86 2.43
CA ALA A 467 10.67 -3.53 2.99
C ALA A 467 10.50 -3.23 4.48
N TYR A 468 10.02 -2.06 4.82
CA TYR A 468 10.06 -1.55 6.20
C TYR A 468 9.16 -2.39 7.11
N GLY A 469 7.94 -2.69 6.68
CA GLY A 469 7.01 -3.47 7.50
C GLY A 469 7.59 -4.83 7.87
N ILE A 470 8.16 -5.53 6.90
CA ILE A 470 8.75 -6.87 7.15
C ILE A 470 9.97 -6.71 8.06
N ALA A 471 10.84 -5.74 7.80
CA ALA A 471 12.06 -5.52 8.61
C ALA A 471 11.68 -5.28 10.07
N ILE A 472 10.70 -4.41 10.31
CA ILE A 472 10.20 -4.15 11.69
C ILE A 472 9.65 -5.44 12.26
N ASP A 473 8.84 -6.17 11.49
CA ASP A 473 8.17 -7.40 11.97
C ASP A 473 9.22 -8.43 12.40
N GLN A 474 10.37 -8.45 11.72
CA GLN A 474 11.43 -9.46 11.91
C GLN A 474 12.39 -9.00 13.01
N GLY A 475 12.10 -7.86 13.64
CA GLY A 475 12.95 -7.28 14.70
C GLY A 475 14.30 -6.87 14.16
N LEU A 476 14.34 -6.36 12.92
CA LEU A 476 15.59 -5.93 12.26
C LEU A 476 15.67 -4.41 12.20
N MET A 477 14.63 -3.71 12.66
CA MET A 477 14.66 -2.23 12.75
C MET A 477 13.49 -1.77 13.59
N GLY A 478 13.63 -0.58 14.16
CA GLY A 478 12.56 0.11 14.88
C GLY A 478 12.33 1.48 14.29
N SER A 479 11.43 2.25 14.91
CA SER A 479 10.87 3.48 14.32
C SER A 479 11.97 4.54 14.13
N GLU A 480 13.02 4.53 14.95
CA GLU A 480 14.08 5.56 14.86
C GLU A 480 15.40 4.94 14.42
N THR A 481 15.33 3.77 13.81
CA THR A 481 16.49 3.10 13.19
C THR A 481 17.05 4.03 12.10
N ILE A 482 18.36 4.01 11.95
CA ILE A 482 19.10 4.81 10.94
C ILE A 482 19.37 3.91 9.74
N LEU A 483 19.22 4.48 8.54
CA LEU A 483 19.47 3.81 7.25
C LEU A 483 20.43 4.65 6.45
N SER A 484 21.23 4.02 5.63
CA SER A 484 22.10 4.70 4.66
C SER A 484 21.26 5.22 3.49
N ASN A 485 21.39 6.52 3.20
CA ASN A 485 21.02 7.13 1.91
C ASN A 485 22.27 7.63 1.19
N TYR A 486 23.45 7.12 1.54
CA TYR A 486 24.69 7.42 0.79
C TYR A 486 24.54 6.84 -0.63
N PRO A 487 25.16 7.49 -1.62
CA PRO A 487 25.15 6.97 -2.99
C PRO A 487 25.58 5.49 -3.06
N THR A 488 24.86 4.73 -3.86
CA THR A 488 25.17 3.32 -4.16
C THR A 488 24.56 2.97 -5.51
N ASN A 489 25.05 1.88 -6.10
CA ASN A 489 24.64 1.44 -7.45
C ASN A 489 23.82 0.15 -7.32
N PHE A 490 22.86 -0.03 -8.20
CA PHE A 490 22.20 -1.33 -8.46
C PHE A 490 23.25 -2.31 -9.00
N ALA A 491 22.91 -3.60 -9.01
CA ALA A 491 23.75 -4.70 -9.56
C ALA A 491 24.07 -4.42 -11.03
N ASN A 492 23.24 -3.65 -11.72
CA ASN A 492 23.40 -3.34 -13.16
C ASN A 492 24.39 -2.18 -13.34
N GLY A 493 24.92 -1.63 -12.24
CA GLY A 493 25.97 -0.60 -12.27
C GLY A 493 25.39 0.81 -12.25
N ASN A 494 24.08 0.94 -12.38
CA ASN A 494 23.40 2.26 -12.41
C ASN A 494 23.25 2.78 -10.99
N PRO A 495 23.45 4.10 -10.79
CA PRO A 495 23.21 4.73 -9.49
C PRO A 495 21.74 4.63 -9.12
N ILE A 496 21.47 4.37 -7.84
CA ILE A 496 20.09 4.49 -7.31
C ILE A 496 19.79 5.98 -7.14
N MET A 497 18.77 6.44 -7.83
CA MET A 497 18.42 7.88 -7.93
C MET A 497 17.15 8.17 -7.13
N TYR A 498 17.02 9.42 -6.75
CA TYR A 498 15.77 10.01 -6.18
C TYR A 498 15.62 11.35 -6.86
N ALA A 499 14.70 11.44 -7.82
CA ALA A 499 14.70 12.52 -8.83
C ALA A 499 16.15 12.71 -9.34
N ASN A 500 16.76 13.87 -9.13
CA ASN A 500 18.13 14.16 -9.63
C ASN A 500 19.19 13.94 -8.55
N SER A 501 18.85 13.38 -7.39
CA SER A 501 19.81 13.16 -6.28
C SER A 501 20.34 11.73 -6.30
N LYS A 502 21.66 11.57 -6.20
CA LYS A 502 22.34 10.27 -6.08
C LYS A 502 22.43 9.86 -4.61
N GLY A 503 21.91 10.70 -3.72
CA GLY A 503 21.80 10.38 -2.28
C GLY A 503 22.43 11.43 -1.39
N THR A 504 22.37 11.19 -0.09
CA THR A 504 22.86 12.12 0.95
C THR A 504 23.73 11.32 1.91
N GLY A 505 23.24 11.08 3.13
CA GLY A 505 24.00 10.37 4.18
C GLY A 505 23.07 9.50 4.99
N MET A 506 23.36 9.33 6.28
CA MET A 506 22.48 8.56 7.19
C MET A 506 21.19 9.35 7.41
N MET A 507 20.09 8.66 7.62
CA MET A 507 18.82 9.29 8.01
C MET A 507 17.97 8.29 8.78
N THR A 508 17.04 8.81 9.56
CA THR A 508 16.04 8.01 10.29
C THR A 508 15.09 7.35 9.29
N LEU A 509 14.46 6.28 9.74
CA LEU A 509 13.34 5.65 8.99
C LEU A 509 12.26 6.71 8.69
N GLY A 510 11.95 7.57 9.65
CA GLY A 510 10.94 8.64 9.48
C GLY A 510 11.30 9.54 8.31
N GLU A 511 12.53 10.01 8.24
CA GLU A 511 12.98 10.86 7.11
C GLU A 511 12.89 10.05 5.80
N ALA A 512 13.35 8.81 5.82
CA ALA A 512 13.34 7.93 4.62
C ALA A 512 11.91 7.80 4.10
N LEU A 513 10.95 7.60 4.99
CA LEU A 513 9.52 7.42 4.59
C LEU A 513 8.90 8.75 4.15
N ASN A 514 9.14 9.83 4.90
CA ASN A 514 8.51 11.14 4.60
C ASN A 514 8.90 11.60 3.20
N TYR A 515 10.16 11.42 2.83
CA TYR A 515 10.69 11.84 1.52
C TYR A 515 10.51 10.72 0.49
N SER A 516 10.38 9.48 0.95
CA SER A 516 10.43 8.26 0.11
C SER A 516 11.79 8.17 -0.58
N TRP A 517 12.87 8.41 0.15
CA TRP A 517 14.21 8.13 -0.39
C TRP A 517 14.28 6.66 -0.81
N ASN A 518 15.06 6.36 -1.84
CA ASN A 518 15.05 5.03 -2.49
C ASN A 518 16.17 4.14 -1.91
N ILE A 519 17.34 4.71 -1.69
CA ILE A 519 18.50 3.91 -1.22
C ILE A 519 18.20 3.20 0.10
N PRO A 520 17.58 3.85 1.11
CA PRO A 520 17.27 3.14 2.35
C PRO A 520 16.38 1.89 2.13
N ALA A 521 15.44 1.97 1.21
CA ALA A 521 14.51 0.86 0.90
C ALA A 521 15.27 -0.25 0.21
N TYR A 522 16.20 0.11 -0.67
CA TYR A 522 17.11 -0.84 -1.33
C TYR A 522 17.86 -1.63 -0.27
N TRP A 523 18.47 -0.94 0.71
CA TRP A 523 19.30 -1.61 1.76
C TRP A 523 18.40 -2.48 2.63
N THR A 524 17.20 -2.01 2.94
CA THR A 524 16.28 -2.76 3.81
C THR A 524 15.96 -4.10 3.15
N TYR A 525 15.63 -4.08 1.87
CA TYR A 525 15.25 -5.31 1.15
C TYR A 525 16.49 -6.20 1.02
N ARG A 526 17.66 -5.60 0.80
CA ARG A 526 18.92 -6.37 0.71
C ARG A 526 19.12 -7.13 2.04
N MET A 527 18.89 -6.46 3.16
CA MET A 527 19.03 -7.06 4.52
C MET A 527 18.06 -8.25 4.64
N LEU A 528 16.82 -8.11 4.18
CA LEU A 528 15.83 -9.21 4.23
C LEU A 528 16.34 -10.40 3.42
N ARG A 529 16.89 -10.14 2.23
CA ARG A 529 17.44 -11.22 1.35
C ARG A 529 18.61 -11.89 2.05
N GLU A 530 19.52 -11.09 2.60
CA GLU A 530 20.75 -11.62 3.26
C GLU A 530 20.34 -12.50 4.44
N ASN A 531 19.24 -12.15 5.12
CA ASN A 531 18.76 -12.85 6.34
C ASN A 531 17.84 -14.01 5.99
N GLY A 532 17.53 -14.22 4.71
CA GLY A 532 16.67 -15.33 4.26
C GLY A 532 15.25 -15.18 4.78
N VAL A 533 14.77 -13.95 4.89
CA VAL A 533 13.39 -13.68 5.38
C VAL A 533 12.41 -14.17 4.30
N ASP A 534 11.37 -14.86 4.73
CA ASP A 534 10.29 -15.35 3.84
C ASP A 534 9.37 -14.19 3.48
N VAL A 535 9.86 -13.29 2.62
CA VAL A 535 9.07 -12.14 2.13
C VAL A 535 7.86 -12.66 1.37
N LYS A 536 8.03 -13.70 0.56
CA LYS A 536 6.93 -14.24 -0.25
C LYS A 536 5.78 -14.64 0.67
N GLY A 537 6.10 -15.19 1.84
CA GLY A 537 5.08 -15.58 2.83
C GLY A 537 4.17 -14.41 3.18
N TYR A 538 4.75 -13.26 3.49
CA TYR A 538 3.97 -12.03 3.83
C TYR A 538 3.13 -11.63 2.62
N MET A 539 3.78 -11.52 1.46
CA MET A 539 3.12 -10.89 0.29
C MET A 539 2.00 -11.81 -0.20
N GLU A 540 2.18 -13.13 -0.17
CA GLU A 540 1.15 -14.07 -0.68
C GLU A 540 -0.02 -14.13 0.30
N LYS A 541 0.23 -13.93 1.59
CA LYS A 541 -0.86 -13.87 2.61
C LYS A 541 -1.79 -12.72 2.25
N MET A 542 -1.28 -11.69 1.58
CA MET A 542 -2.10 -10.50 1.24
C MET A 542 -2.60 -10.59 -0.19
N GLY A 543 -2.31 -11.67 -0.89
CA GLY A 543 -2.86 -11.96 -2.23
C GLY A 543 -2.00 -11.38 -3.35
N TYR A 544 -0.79 -10.92 -3.05
CA TYR A 544 0.09 -10.38 -4.10
C TYR A 544 0.71 -11.55 -4.86
N GLU A 545 0.86 -11.35 -6.16
CA GLU A 545 1.55 -12.28 -7.08
C GLU A 545 2.79 -11.57 -7.63
N ILE A 546 3.96 -12.00 -7.17
CA ILE A 546 5.27 -11.44 -7.55
C ILE A 546 6.10 -12.58 -8.08
N PRO A 547 6.54 -12.51 -9.36
CA PRO A 547 7.19 -13.67 -9.98
C PRO A 547 8.62 -13.92 -9.48
N GLU A 548 9.35 -12.87 -9.12
CA GLU A 548 10.80 -12.94 -8.78
C GLU A 548 11.06 -12.06 -7.55
N TYR A 549 11.40 -12.67 -6.43
CA TYR A 549 11.60 -11.96 -5.15
C TYR A 549 13.05 -11.47 -5.02
N GLY A 550 13.91 -11.85 -5.97
CA GLY A 550 15.33 -11.45 -5.93
C GLY A 550 15.59 -10.14 -6.64
N ILE A 551 14.56 -9.51 -7.22
CA ILE A 551 14.66 -8.19 -7.90
C ILE A 551 15.09 -7.13 -6.86
N GLU A 552 16.23 -6.47 -7.08
CA GLU A 552 16.79 -5.46 -6.13
C GLU A 552 15.82 -4.29 -5.94
N SER A 553 15.09 -3.94 -6.99
CA SER A 553 14.20 -2.75 -7.02
C SER A 553 12.79 -3.12 -6.57
N LEU A 554 12.56 -4.32 -6.04
CA LEU A 554 11.23 -4.73 -5.57
C LEU A 554 10.64 -3.67 -4.63
N PRO A 555 11.39 -3.11 -3.64
CA PRO A 555 10.79 -2.15 -2.71
C PRO A 555 10.34 -0.85 -3.41
N MET A 556 10.91 -0.55 -4.57
CA MET A 556 10.53 0.62 -5.41
CA MET A 556 10.53 0.62 -5.41
C MET A 556 9.53 0.19 -6.49
N GLY A 557 8.96 -1.00 -6.36
CA GLY A 557 7.91 -1.47 -7.30
C GLY A 557 8.47 -2.04 -8.58
N GLY A 558 9.75 -2.36 -8.63
CA GLY A 558 10.30 -3.15 -9.75
C GLY A 558 9.86 -4.59 -9.66
N GLY A 559 9.40 -5.19 -10.76
CA GLY A 559 9.05 -6.61 -10.77
C GLY A 559 7.73 -6.88 -10.08
N ILE A 560 6.91 -5.86 -9.95
CA ILE A 560 5.56 -5.98 -9.36
C ILE A 560 4.61 -5.08 -10.14
N GLU A 561 3.45 -5.62 -10.48
CA GLU A 561 2.37 -4.83 -11.12
C GLU A 561 1.08 -5.26 -10.44
N VAL A 562 0.29 -4.29 -9.99
CA VAL A 562 -0.89 -4.59 -9.15
C VAL A 562 -2.08 -3.78 -9.63
N THR A 563 -3.26 -4.31 -9.37
CA THR A 563 -4.50 -3.51 -9.52
C THR A 563 -4.66 -2.58 -8.33
N VAL A 564 -5.49 -1.57 -8.48
CA VAL A 564 -5.81 -0.69 -7.34
C VAL A 564 -6.52 -1.51 -6.25
N ALA A 565 -7.43 -2.41 -6.61
CA ALA A 565 -8.17 -3.20 -5.62
C ALA A 565 -7.22 -4.07 -4.79
N GLN A 566 -6.28 -4.75 -5.45
CA GLN A 566 -5.33 -5.62 -4.73
C GLN A 566 -4.47 -4.76 -3.82
N HIS A 567 -3.95 -3.65 -4.33
CA HIS A 567 -2.99 -2.87 -3.56
C HIS A 567 -3.68 -2.20 -2.36
N THR A 568 -4.93 -1.79 -2.54
CA THR A 568 -5.78 -1.29 -1.44
C THR A 568 -5.85 -2.36 -0.35
N ASN A 569 -5.88 -3.63 -0.72
CA ASN A 569 -5.96 -4.76 0.25
C ASN A 569 -4.66 -4.84 1.08
N GLY A 570 -3.52 -4.52 0.50
CA GLY A 570 -2.25 -4.45 1.24
C GLY A 570 -2.31 -3.37 2.31
N TYR A 571 -2.80 -2.19 1.96
CA TYR A 571 -2.90 -1.07 2.92
C TYR A 571 -3.98 -1.36 3.97
N GLN A 572 -5.05 -2.05 3.57
CA GLN A 572 -6.07 -2.55 4.51
C GLN A 572 -5.41 -3.35 5.63
N THR A 573 -4.45 -4.18 5.26
CA THR A 573 -3.77 -5.07 6.22
C THR A 573 -3.02 -4.23 7.25
N LEU A 574 -2.25 -3.25 6.80
CA LEU A 574 -1.50 -2.36 7.72
C LEU A 574 -2.46 -1.56 8.60
N ALA A 575 -3.53 -1.03 8.02
CA ALA A 575 -4.49 -0.18 8.76
C ALA A 575 -5.21 -1.03 9.81
N ASN A 576 -5.55 -2.26 9.46
CA ASN A 576 -6.33 -3.16 10.34
C ASN A 576 -5.37 -3.87 11.32
N ASN A 577 -4.38 -3.15 11.83
CA ASN A 577 -3.45 -3.63 12.88
C ASN A 577 -2.81 -4.96 12.44
N GLY A 578 -2.59 -5.12 11.14
CA GLY A 578 -1.80 -6.24 10.60
C GLY A 578 -2.63 -7.42 10.16
N VAL A 579 -3.96 -7.35 10.30
CA VAL A 579 -4.88 -8.46 9.95
C VAL A 579 -5.51 -8.22 8.57
N TYR A 580 -5.13 -9.08 7.64
CA TYR A 580 -5.66 -9.13 6.26
C TYR A 580 -7.08 -9.69 6.28
N HIS A 581 -7.97 -9.06 5.52
CA HIS A 581 -9.25 -9.64 5.06
C HIS A 581 -9.27 -9.57 3.55
N GLN A 582 -9.60 -10.66 2.89
CA GLN A 582 -9.59 -10.72 1.42
C GLN A 582 -10.63 -9.77 0.86
N LYS A 583 -10.20 -8.90 -0.03
CA LYS A 583 -11.10 -7.96 -0.71
C LYS A 583 -12.25 -8.74 -1.37
N HIS A 584 -13.41 -8.12 -1.41
CA HIS A 584 -14.58 -8.72 -2.08
C HIS A 584 -15.60 -7.64 -2.37
N VAL A 585 -16.37 -7.87 -3.44
CA VAL A 585 -17.55 -7.04 -3.79
CA VAL A 585 -17.55 -7.03 -3.75
C VAL A 585 -18.82 -7.88 -3.58
N ILE A 586 -18.74 -9.17 -3.88
CA ILE A 586 -19.92 -10.06 -3.69
C ILE A 586 -19.89 -10.66 -2.30
N SER A 587 -20.97 -10.52 -1.54
CA SER A 587 -21.10 -11.17 -0.21
CA SER A 587 -21.16 -11.15 -0.21
C SER A 587 -21.85 -12.50 -0.36
N LYS A 588 -22.84 -12.56 -1.24
CA LYS A 588 -23.71 -13.75 -1.33
C LYS A 588 -24.36 -13.78 -2.71
N ILE A 589 -24.54 -14.98 -3.25
CA ILE A 589 -25.46 -15.23 -4.39
C ILE A 589 -26.45 -16.29 -3.94
N GLU A 590 -27.73 -15.97 -4.09
CA GLU A 590 -28.83 -16.88 -3.75
C GLU A 590 -29.66 -17.11 -5.00
N ALA A 591 -30.20 -18.30 -5.14
CA ALA A 591 -31.33 -18.56 -6.04
C ALA A 591 -32.55 -17.74 -5.54
N ALA A 592 -33.52 -17.62 -6.47
CA ALA A 592 -34.83 -16.99 -6.21
C ALA A 592 -35.42 -17.59 -4.93
N ASP A 593 -35.24 -18.89 -4.70
CA ASP A 593 -35.91 -19.61 -3.59
C ASP A 593 -35.03 -19.57 -2.34
N GLY A 594 -33.89 -18.89 -2.40
CA GLY A 594 -33.01 -18.62 -1.25
C GLY A 594 -31.94 -19.68 -1.04
N ARG A 595 -31.84 -20.70 -1.88
CA ARG A 595 -30.64 -21.59 -1.92
C ARG A 595 -29.37 -20.76 -2.11
N VAL A 596 -28.33 -21.06 -1.35
CA VAL A 596 -27.04 -20.29 -1.41
C VAL A 596 -26.14 -20.92 -2.46
N VAL A 597 -25.88 -20.18 -3.54
CA VAL A 597 -24.92 -20.51 -4.63
C VAL A 597 -23.51 -20.28 -4.10
N TYR A 598 -23.31 -19.15 -3.43
CA TYR A 598 -21.98 -18.71 -2.96
C TYR A 598 -22.19 -17.74 -1.78
N GLU A 599 -21.30 -17.82 -0.80
CA GLU A 599 -21.26 -16.85 0.31
C GLU A 599 -19.80 -16.62 0.65
N TYR A 600 -19.40 -15.37 0.67
CA TYR A 600 -18.05 -14.99 1.10
C TYR A 600 -17.82 -15.53 2.51
N GLN A 601 -16.66 -16.13 2.71
CA GLN A 601 -16.18 -16.67 4.01
C GLN A 601 -14.95 -15.86 4.41
N ASP A 602 -15.05 -15.13 5.51
CA ASP A 602 -13.91 -14.38 6.06
C ASP A 602 -12.82 -15.36 6.51
N LYS A 603 -11.58 -15.10 6.11
CA LYS A 603 -10.38 -15.87 6.55
C LYS A 603 -9.33 -14.86 7.02
N PRO A 604 -9.51 -14.27 8.22
CA PRO A 604 -8.58 -13.25 8.69
C PRO A 604 -7.19 -13.87 8.91
N VAL A 605 -6.16 -13.16 8.50
CA VAL A 605 -4.75 -13.63 8.63
C VAL A 605 -3.93 -12.50 9.25
N GLN A 606 -3.23 -12.79 10.36
CA GLN A 606 -2.32 -11.82 11.01
C GLN A 606 -1.01 -11.82 10.23
N VAL A 607 -0.88 -10.92 9.28
CA VAL A 607 0.26 -10.90 8.33
C VAL A 607 1.45 -10.22 9.02
N TYR A 608 1.20 -9.08 9.64
CA TYR A 608 2.17 -8.37 10.50
C TYR A 608 1.69 -8.43 11.93
N SER A 609 2.61 -8.44 12.87
CA SER A 609 2.26 -8.31 14.30
C SER A 609 1.50 -6.99 14.51
N LYS A 610 0.67 -6.95 15.54
CA LYS A 610 -0.01 -5.71 15.93
C LYS A 610 1.06 -4.64 16.23
N ALA A 611 2.18 -5.02 16.85
CA ALA A 611 3.28 -4.07 17.13
C ALA A 611 3.74 -3.46 15.81
N THR A 612 4.07 -4.29 14.84
CA THR A 612 4.59 -3.83 13.54
C THR A 612 3.61 -2.87 12.89
N ALA A 613 2.36 -3.30 12.76
CA ALA A 613 1.32 -2.55 12.02
C ALA A 613 1.15 -1.20 12.69
N THR A 614 1.09 -1.16 14.03
CA THR A 614 0.80 0.11 14.76
C THR A 614 2.02 1.03 14.68
N ILE A 615 3.23 0.48 14.66
CA ILE A 615 4.43 1.32 14.44
C ILE A 615 4.34 1.93 13.03
N MET A 616 4.02 1.12 12.03
CA MET A 616 3.95 1.59 10.62
CA MET A 616 3.94 1.57 10.63
C MET A 616 2.86 2.66 10.50
N GLN A 617 1.75 2.51 11.20
CA GLN A 617 0.67 3.53 11.16
C GLN A 617 1.24 4.88 11.59
N GLY A 618 2.00 4.91 12.68
CA GLY A 618 2.58 6.15 13.22
C GLY A 618 3.53 6.77 12.21
N LEU A 619 4.29 5.95 11.51
CA LEU A 619 5.22 6.46 10.47
C LEU A 619 4.44 7.03 9.29
N LEU A 620 3.43 6.32 8.83
CA LEU A 620 2.65 6.75 7.64
C LEU A 620 1.79 7.97 7.97
N ARG A 621 1.47 8.20 9.24
CA ARG A 621 0.78 9.44 9.65
C ARG A 621 1.66 10.63 9.27
N GLU A 622 2.95 10.51 9.55
CA GLU A 622 3.92 11.62 9.35
C GLU A 622 4.22 11.78 7.86
N VAL A 623 4.10 10.72 7.05
CA VAL A 623 4.27 10.85 5.59
C VAL A 623 3.29 11.91 5.09
N LEU A 624 2.02 11.83 5.47
CA LEU A 624 1.00 12.80 4.98
C LEU A 624 1.20 14.15 5.66
N SER A 625 1.44 14.20 6.97
CA SER A 625 1.50 15.50 7.68
CA SER A 625 1.53 15.48 7.72
C SER A 625 2.74 16.29 7.23
N SER A 626 3.82 15.61 6.85
CA SER A 626 5.08 16.26 6.43
C SER A 626 4.88 16.98 5.08
N ARG A 627 3.90 16.54 4.28
CA ARG A 627 3.51 17.17 2.99
C ARG A 627 4.68 17.19 2.02
N VAL A 628 5.66 16.30 2.16
CA VAL A 628 6.83 16.32 1.26
C VAL A 628 6.42 15.77 -0.11
N THR A 629 5.72 14.63 -0.15
CA THR A 629 5.46 13.91 -1.42
C THR A 629 4.01 14.09 -1.84
N THR A 630 3.20 14.78 -1.06
CA THR A 630 1.77 14.96 -1.39
C THR A 630 1.26 16.20 -0.69
N THR A 631 0.41 16.97 -1.38
CA THR A 631 -0.29 18.13 -0.81
C THR A 631 -1.60 17.70 -0.14
N PHE A 632 -1.89 16.40 -0.05
CA PHE A 632 -3.22 15.90 0.35
C PHE A 632 -3.73 16.59 1.62
N LYS A 633 -2.92 16.62 2.69
CA LYS A 633 -3.42 17.18 3.97
C LYS A 633 -3.78 18.67 3.80
N SER A 634 -3.03 19.42 3.00
CA SER A 634 -3.36 20.85 2.72
C SER A 634 -4.68 20.92 1.96
N ASN A 635 -4.82 20.09 0.94
CA ASN A 635 -6.03 20.06 0.11
C ASN A 635 -7.24 19.76 1.00
N LEU A 636 -7.13 18.71 1.80
CA LEU A 636 -8.30 18.24 2.57
C LEU A 636 -8.59 19.22 3.69
N THR A 637 -7.58 19.78 4.35
CA THR A 637 -7.81 20.76 5.45
C THR A 637 -8.67 21.92 4.92
N SER A 638 -8.44 22.37 3.69
CA SER A 638 -9.25 23.46 3.10
C SER A 638 -10.67 22.99 2.81
N LEU A 639 -10.84 21.83 2.20
CA LEU A 639 -12.17 21.34 1.78
C LEU A 639 -13.02 21.00 3.00
N ASN A 640 -12.42 20.36 4.00
CA ASN A 640 -13.17 19.71 5.10
C ASN A 640 -12.26 19.61 6.30
N PRO A 641 -12.08 20.71 7.06
CA PRO A 641 -11.11 20.74 8.14
C PRO A 641 -11.41 19.71 9.22
N THR A 642 -12.68 19.47 9.49
CA THR A 642 -13.07 18.44 10.46
C THR A 642 -12.61 17.08 9.98
N LEU A 643 -12.86 16.75 8.72
CA LEU A 643 -12.43 15.43 8.17
C LEU A 643 -10.91 15.37 8.12
N ALA A 644 -10.22 16.48 7.87
CA ALA A 644 -8.74 16.49 7.86
C ALA A 644 -8.19 16.11 9.24
N ASN A 645 -8.97 16.29 10.29
CA ASN A 645 -8.53 16.02 11.69
C ASN A 645 -8.77 14.55 12.07
N ALA A 646 -9.41 13.78 11.20
CA ALA A 646 -9.46 12.31 11.33
C ALA A 646 -8.03 11.80 11.21
N ASP A 647 -7.77 10.56 11.62
CA ASP A 647 -6.39 10.07 11.75
C ASP A 647 -5.94 9.48 10.42
N TRP A 648 -5.60 10.34 9.47
CA TRP A 648 -5.12 9.95 8.13
C TRP A 648 -3.69 9.44 8.19
N ILE A 649 -3.46 8.32 7.53
CA ILE A 649 -2.10 7.82 7.20
C ILE A 649 -2.04 7.53 5.70
N GLY A 650 -0.86 7.51 5.12
CA GLY A 650 -0.81 7.12 3.72
C GLY A 650 0.57 7.15 3.15
N LYS A 651 0.64 6.89 1.86
CA LYS A 651 1.93 6.74 1.18
C LYS A 651 1.71 7.03 -0.31
N THR A 652 2.67 7.68 -0.93
CA THR A 652 2.67 7.99 -2.36
C THR A 652 3.60 7.08 -3.13
N GLY A 653 3.40 7.02 -4.43
CA GLY A 653 4.38 6.43 -5.34
C GLY A 653 4.35 7.11 -6.67
N THR A 654 5.49 7.11 -7.33
CA THR A 654 5.71 7.71 -8.65
C THR A 654 6.60 6.75 -9.43
N THR A 655 6.19 6.25 -10.59
CA THR A 655 7.14 5.45 -11.42
C THR A 655 8.16 6.40 -12.05
N GLY A 656 9.32 5.87 -12.42
CA GLY A 656 10.54 6.66 -12.69
C GLY A 656 10.36 7.66 -13.84
N GLN A 657 9.49 7.38 -14.82
CA GLN A 657 9.22 8.31 -15.94
C GLN A 657 7.85 8.97 -15.75
N ASP A 658 7.35 9.02 -14.52
CA ASP A 658 6.07 9.69 -14.19
C ASP A 658 4.91 9.07 -14.98
N GLU A 659 4.97 7.79 -15.34
CA GLU A 659 3.85 7.11 -16.05
C GLU A 659 2.70 6.80 -15.07
N ASN A 660 2.98 6.63 -13.78
CA ASN A 660 1.99 6.13 -12.80
C ASN A 660 2.20 6.86 -11.49
N MET A 661 1.14 7.36 -10.93
CA MET A 661 1.16 7.96 -9.59
C MET A 661 0.19 7.19 -8.73
N TRP A 662 0.55 7.04 -7.47
CA TRP A 662 -0.29 6.34 -6.49
C TRP A 662 -0.40 7.20 -5.25
N LEU A 663 -1.56 7.15 -4.60
CA LEU A 663 -1.74 7.67 -3.24
C LEU A 663 -2.69 6.72 -2.53
N MET A 664 -2.19 6.14 -1.46
CA MET A 664 -2.91 5.18 -0.61
C MET A 664 -3.19 5.88 0.70
N LEU A 665 -4.44 5.88 1.14
CA LEU A 665 -4.91 6.64 2.30
C LEU A 665 -5.67 5.69 3.22
N SER A 666 -5.46 5.82 4.52
CA SER A 666 -6.29 5.07 5.50
C SER A 666 -6.68 5.96 6.67
N THR A 667 -7.87 5.72 7.20
CA THR A 667 -8.22 5.97 8.61
C THR A 667 -8.36 4.60 9.25
N PRO A 668 -8.54 4.53 10.57
CA PRO A 668 -8.76 3.22 11.19
C PRO A 668 -9.92 2.46 10.52
N ARG A 669 -10.97 3.14 10.07
CA ARG A 669 -12.16 2.44 9.50
C ARG A 669 -11.95 2.03 8.04
N LEU A 670 -11.34 2.87 7.20
CA LEU A 670 -11.38 2.68 5.73
C LEU A 670 -9.99 2.88 5.13
N THR A 671 -9.79 2.22 3.99
CA THR A 671 -8.63 2.49 3.13
C THR A 671 -9.16 2.92 1.76
N LEU A 672 -8.54 3.94 1.18
CA LEU A 672 -8.86 4.36 -0.19
C LEU A 672 -7.57 4.32 -1.00
N GLY A 673 -7.55 3.49 -2.01
CA GLY A 673 -6.41 3.39 -2.94
C GLY A 673 -6.66 4.29 -4.12
N GLY A 674 -5.61 4.85 -4.68
CA GLY A 674 -5.75 5.70 -5.86
C GLY A 674 -4.57 5.56 -6.77
N TRP A 675 -4.85 5.37 -8.04
CA TRP A 675 -3.86 5.37 -9.13
C TRP A 675 -4.29 6.41 -10.16
N ILE A 676 -3.35 7.08 -10.79
CA ILE A 676 -3.59 7.82 -12.04
C ILE A 676 -2.49 7.48 -13.03
N GLY A 677 -2.80 7.62 -14.29
CA GLY A 677 -1.86 7.36 -15.37
C GLY A 677 -2.58 7.43 -16.70
N HIS A 678 -1.88 7.01 -17.75
CA HIS A 678 -2.45 6.96 -19.12
C HIS A 678 -2.57 5.50 -19.57
N ASP A 679 -3.64 5.20 -20.29
CA ASP A 679 -3.90 3.82 -20.78
C ASP A 679 -2.71 3.36 -21.63
N ASP A 680 -2.02 4.27 -22.32
CA ASP A 680 -0.95 3.88 -23.27
C ASP A 680 0.43 4.07 -22.61
N ASN A 681 0.45 4.30 -21.31
CA ASN A 681 1.67 4.31 -20.45
C ASN A 681 2.53 5.55 -20.73
N HIS A 682 2.03 6.57 -21.39
CA HIS A 682 2.84 7.80 -21.62
C HIS A 682 2.90 8.62 -20.33
N SER A 683 3.92 9.46 -20.21
CA SER A 683 4.25 10.18 -18.94
C SER A 683 3.16 11.17 -18.57
N LEU A 684 2.87 11.25 -17.27
CA LEU A 684 2.17 12.40 -16.65
C LEU A 684 3.15 13.55 -16.44
N SER A 685 2.63 14.69 -15.99
CA SER A 685 3.45 15.84 -15.55
C SER A 685 4.21 15.47 -14.27
N GLN A 686 5.28 16.21 -13.99
CA GLN A 686 6.15 15.90 -12.80
C GLN A 686 5.34 15.99 -11.51
N GLN A 687 4.38 16.91 -11.42
CA GLN A 687 3.64 17.19 -10.17
C GLN A 687 2.29 16.48 -10.13
N ALA A 688 2.01 15.58 -11.08
CA ALA A 688 0.67 14.97 -11.23
C ALA A 688 0.28 14.25 -9.94
N GLY A 689 1.22 13.55 -9.30
CA GLY A 689 0.92 12.80 -8.08
C GLY A 689 0.94 13.72 -6.86
N TYR A 690 1.95 14.56 -6.78
CA TYR A 690 2.18 15.45 -5.63
C TYR A 690 0.96 16.36 -5.43
N SER A 691 0.50 16.97 -6.53
CA SER A 691 -0.56 18.02 -6.48
CA SER A 691 -0.55 18.02 -6.48
C SER A 691 -1.88 17.47 -7.03
N ASN A 692 -1.95 17.15 -8.33
CA ASN A 692 -3.27 16.86 -8.98
C ASN A 692 -3.96 15.69 -8.30
N ASN A 693 -3.29 14.54 -8.16
CA ASN A 693 -3.96 13.33 -7.62
C ASN A 693 -4.32 13.60 -6.15
N SER A 694 -3.50 14.35 -5.43
CA SER A 694 -3.74 14.71 -4.01
C SER A 694 -5.01 15.55 -3.90
N ASN A 695 -5.15 16.53 -4.77
CA ASN A 695 -6.35 17.42 -4.78
C ASN A 695 -7.59 16.61 -5.18
N TYR A 696 -7.50 15.83 -6.23
CA TYR A 696 -8.62 14.96 -6.65
C TYR A 696 -9.01 14.03 -5.49
N MET A 697 -8.04 13.39 -4.84
CA MET A 697 -8.39 12.41 -3.80
C MET A 697 -8.93 13.13 -2.56
N ALA A 698 -8.51 14.36 -2.28
CA ALA A 698 -9.14 15.18 -1.21
C ALA A 698 -10.62 15.40 -1.54
N HIS A 699 -10.94 15.70 -2.80
CA HIS A 699 -12.34 15.88 -3.25
C HIS A 699 -13.10 14.56 -3.10
N LEU A 700 -12.46 13.46 -3.46
CA LEU A 700 -13.11 12.12 -3.41
C LEU A 700 -13.42 11.78 -1.96
N VAL A 701 -12.47 11.96 -1.05
CA VAL A 701 -12.71 11.63 0.39
C VAL A 701 -13.81 12.53 0.94
N ASN A 702 -13.81 13.80 0.57
CA ASN A 702 -14.88 14.74 1.01
C ASN A 702 -16.25 14.26 0.49
N ALA A 703 -16.32 13.86 -0.78
CA ALA A 703 -17.59 13.39 -1.40
C ALA A 703 -18.10 12.18 -0.62
N ILE A 704 -17.20 11.27 -0.27
CA ILE A 704 -17.53 10.04 0.49
C ILE A 704 -18.11 10.45 1.85
N GLN A 705 -17.47 11.40 2.53
CA GLN A 705 -17.90 11.84 3.87
C GLN A 705 -19.24 12.54 3.75
N GLN A 706 -19.46 13.32 2.69
CA GLN A 706 -20.75 14.06 2.54
C GLN A 706 -21.88 13.07 2.33
N ALA A 707 -21.62 11.93 1.69
CA ALA A 707 -22.62 10.87 1.41
C ALA A 707 -22.91 10.05 2.67
N SER A 708 -21.91 9.91 3.55
CA SER A 708 -21.92 8.97 4.69
C SER A 708 -21.09 9.56 5.84
N PRO A 709 -21.67 10.50 6.62
CA PRO A 709 -20.86 11.37 7.47
C PRO A 709 -19.95 10.67 8.48
N SER A 710 -20.33 9.48 8.95
CA SER A 710 -19.59 8.74 10.01
C SER A 710 -18.60 7.71 9.41
N ILE A 711 -18.55 7.56 8.09
CA ILE A 711 -17.93 6.35 7.47
C ILE A 711 -16.41 6.33 7.70
N TRP A 712 -15.74 7.48 7.72
CA TRP A 712 -14.27 7.51 7.93
C TRP A 712 -13.93 7.24 9.40
N GLY A 713 -14.81 7.63 10.33
CA GLY A 713 -14.59 7.41 11.77
C GLY A 713 -13.75 8.47 12.42
N ASN A 714 -13.85 8.58 13.74
CA ASN A 714 -13.07 9.57 14.53
C ASN A 714 -12.05 8.82 15.42
N GLU A 715 -11.94 7.50 15.27
CA GLU A 715 -10.96 6.66 16.00
C GLU A 715 -9.54 7.04 15.57
N ARG A 716 -8.58 6.88 16.48
CA ARG A 716 -7.15 7.15 16.22
C ARG A 716 -6.45 5.80 16.05
N PHE A 717 -5.44 5.76 15.21
CA PHE A 717 -4.42 4.70 15.25
C PHE A 717 -3.62 4.87 16.53
N ALA A 718 -3.25 3.79 17.19
CA ALA A 718 -2.49 3.84 18.44
C ALA A 718 -1.51 2.66 18.50
N LEU A 719 -0.35 2.88 19.11
CA LEU A 719 0.63 1.79 19.35
C LEU A 719 -0.05 0.68 20.14
N ASP A 720 0.12 -0.54 19.69
CA ASP A 720 -0.24 -1.75 20.44
C ASP A 720 0.56 -1.77 21.73
N PRO A 721 -0.04 -2.25 22.83
CA PRO A 721 0.72 -2.43 24.08
C PRO A 721 1.96 -3.32 23.94
N SER A 722 2.01 -4.19 22.93
CA SER A 722 3.11 -5.17 22.73
C SER A 722 4.34 -4.47 22.15
N VAL A 723 4.18 -3.22 21.69
CA VAL A 723 5.31 -2.40 21.17
C VAL A 723 6.36 -2.26 22.27
N VAL A 724 7.62 -2.47 21.92
CA VAL A 724 8.77 -2.27 22.85
C VAL A 724 9.34 -0.88 22.59
N LYS A 725 9.51 -0.09 23.65
CA LYS A 725 10.00 1.30 23.54
C LYS A 725 11.43 1.34 24.05
N SER A 726 12.37 1.72 23.20
CA SER A 726 13.82 1.72 23.51
C SER A 726 14.34 3.16 23.46
N GLU A 727 15.09 3.57 24.48
CA GLU A 727 15.85 4.84 24.47
C GLU A 727 17.12 4.61 23.66
N VAL A 728 17.23 5.28 22.52
CA VAL A 728 18.35 5.11 21.57
C VAL A 728 18.96 6.48 21.28
N LEU A 729 20.24 6.49 20.91
CA LEU A 729 20.89 7.70 20.35
C LEU A 729 20.15 8.10 19.08
N LYS A 730 19.80 9.37 18.95
CA LYS A 730 19.35 9.98 17.68
C LYS A 730 20.37 9.65 16.58
N SER A 731 21.66 9.69 16.89
CA SER A 731 22.77 9.59 15.90
C SER A 731 22.81 8.19 15.26
N THR A 732 22.57 7.14 16.05
CA THR A 732 22.85 5.73 15.64
C THR A 732 21.56 4.90 15.61
N GLY A 733 20.50 5.36 16.27
CA GLY A 733 19.23 4.63 16.40
C GLY A 733 19.37 3.42 17.30
N GLN A 734 20.47 3.32 18.02
CA GLN A 734 20.79 2.16 18.91
C GLN A 734 21.16 2.71 20.29
N LYS A 735 21.16 1.83 21.30
CA LYS A 735 21.36 2.22 22.71
C LYS A 735 22.78 2.76 22.89
N PRO A 736 22.97 3.77 23.76
CA PRO A 736 24.29 4.33 24.02
C PRO A 736 25.27 3.21 24.45
N GLY A 737 26.55 3.40 24.12
CA GLY A 737 27.66 2.57 24.62
C GLY A 737 28.95 2.86 23.86
N LYS A 738 29.93 1.98 23.99
CA LYS A 738 31.26 2.17 23.35
C LYS A 738 31.32 1.33 22.07
N VAL A 739 32.13 1.82 21.12
CA VAL A 739 32.33 1.23 19.77
C VAL A 739 33.80 1.49 19.37
N SER A 740 34.42 0.55 18.65
CA SER A 740 35.76 0.74 18.06
C SER A 740 35.63 1.58 16.79
N VAL A 741 36.17 2.81 16.82
CA VAL A 741 36.29 3.76 15.67
C VAL A 741 37.78 4.06 15.46
N GLU A 742 38.31 3.71 14.28
CA GLU A 742 39.74 3.86 13.94
C GLU A 742 40.58 3.21 15.06
N GLY A 743 40.11 2.08 15.58
CA GLY A 743 40.89 1.18 16.47
C GLY A 743 40.81 1.60 17.93
N LYS A 744 40.21 2.77 18.21
CA LYS A 744 40.13 3.36 19.57
C LYS A 744 38.70 3.19 20.11
N GLU A 745 38.57 2.73 21.35
CA GLU A 745 37.27 2.67 22.08
C GLU A 745 36.70 4.09 22.19
N VAL A 746 35.49 4.32 21.69
CA VAL A 746 34.78 5.62 21.82
C VAL A 746 33.52 5.39 22.66
N GLU A 747 33.34 6.21 23.70
CA GLU A 747 32.07 6.34 24.45
C GLU A 747 31.06 7.11 23.58
N VAL A 748 30.09 6.42 22.97
CA VAL A 748 29.05 7.08 22.13
C VAL A 748 27.89 7.52 23.03
N THR A 749 27.75 8.82 23.20
CA THR A 749 26.70 9.49 24.01
C THR A 749 26.00 10.52 23.12
N GLY A 750 25.03 11.24 23.67
CA GLY A 750 24.38 12.38 23.01
C GLY A 750 22.87 12.31 23.14
N SER A 751 22.16 13.12 22.36
CA SER A 751 20.68 13.21 22.36
C SER A 751 20.12 11.80 22.16
N THR A 752 19.09 11.45 22.94
CA THR A 752 18.34 10.16 22.81
C THR A 752 16.92 10.44 22.33
N VAL A 753 16.26 9.40 21.85
CA VAL A 753 14.86 9.44 21.37
C VAL A 753 14.23 8.09 21.67
N THR A 754 12.92 8.03 21.83
CA THR A 754 12.18 6.75 21.97
C THR A 754 12.03 6.11 20.59
N SER A 755 12.53 4.89 20.44
CA SER A 755 12.43 4.07 19.21
C SER A 755 11.49 2.89 19.48
N TYR A 756 10.51 2.69 18.60
CA TYR A 756 9.46 1.66 18.75
C TYR A 756 9.88 0.40 18.00
N TRP A 757 9.81 -0.73 18.68
CA TRP A 757 10.26 -2.05 18.17
C TRP A 757 9.13 -3.07 18.30
N ALA A 758 9.16 -4.09 17.43
CA ALA A 758 8.16 -5.17 17.35
C ALA A 758 8.83 -6.50 17.68
N ASN A 759 9.93 -6.46 18.39
CA ASN A 759 10.58 -7.69 18.92
C ASN A 759 10.33 -7.76 20.44
N LYS A 760 11.09 -8.57 21.14
CA LYS A 760 10.94 -8.71 22.62
C LYS A 760 11.89 -7.74 23.34
N SER A 761 13.11 -7.57 22.85
CA SER A 761 14.23 -6.93 23.60
C SER A 761 14.42 -5.46 23.19
N GLY A 762 13.78 -5.02 22.10
CA GLY A 762 13.93 -3.65 21.60
C GLY A 762 15.26 -3.45 20.89
N ALA A 763 15.80 -2.24 20.90
CA ALA A 763 16.99 -1.85 20.11
C ALA A 763 18.21 -2.50 20.74
N PRO A 764 19.20 -2.89 19.92
CA PRO A 764 20.50 -3.32 20.43
C PRO A 764 21.31 -2.13 20.93
N ALA A 765 22.40 -2.40 21.66
CA ALA A 765 23.50 -1.44 21.90
C ALA A 765 24.06 -1.01 20.54
N THR A 766 24.52 0.24 20.43
CA THR A 766 25.21 0.76 19.23
C THR A 766 26.37 -0.17 18.86
N SER A 767 26.43 -0.56 17.59
CA SER A 767 27.62 -1.21 16.97
C SER A 767 28.19 -0.27 15.91
N TYR A 768 29.39 -0.56 15.41
CA TYR A 768 30.07 0.25 14.39
C TYR A 768 29.15 0.39 13.16
N ARG A 769 28.63 -0.73 12.64
CA ARG A 769 27.69 -0.70 11.48
C ARG A 769 26.27 -0.54 12.02
N PHE A 770 25.93 0.64 12.52
CA PHE A 770 24.71 0.92 13.32
C PHE A 770 23.49 1.05 12.39
N ALA A 771 23.72 1.31 11.11
CA ALA A 771 22.69 1.67 10.13
C ALA A 771 22.27 0.44 9.31
N ILE A 772 21.12 0.54 8.65
CA ILE A 772 20.74 -0.39 7.56
C ILE A 772 21.51 0.02 6.31
N GLY A 773 22.45 -0.82 5.87
CA GLY A 773 23.27 -0.59 4.67
C GLY A 773 24.43 0.36 4.92
N GLY A 774 25.12 0.73 3.85
CA GLY A 774 26.27 1.63 3.87
C GLY A 774 27.54 0.88 3.60
N SER A 775 28.45 1.52 2.88
CA SER A 775 29.83 1.05 2.61
C SER A 775 30.75 1.43 3.78
N ASP A 776 31.95 0.85 3.80
CA ASP A 776 33.02 1.19 4.79
C ASP A 776 33.29 2.77 4.78
N ALA A 777 33.40 3.29 3.53
CA ALA A 777 33.59 4.74 3.23
C ALA A 777 32.45 5.56 3.85
N ASP A 778 31.20 5.11 3.68
CA ASP A 778 30.00 5.78 4.26
C ASP A 778 30.16 5.84 5.79
N TYR A 779 30.57 4.69 6.38
CA TYR A 779 30.69 4.55 7.85
C TYR A 779 31.83 5.42 8.36
N GLN A 780 32.92 5.50 7.61
CA GLN A 780 34.06 6.39 7.96
C GLN A 780 33.51 7.83 8.06
N ASN A 781 32.72 8.25 7.09
CA ASN A 781 32.17 9.62 7.01
C ASN A 781 31.16 9.84 8.15
N ALA A 782 30.27 8.86 8.39
CA ALA A 782 29.20 8.96 9.40
C ALA A 782 29.86 9.11 10.79
N TRP A 783 30.80 8.23 11.11
CA TRP A 783 31.45 8.15 12.44
C TRP A 783 32.31 9.40 12.70
N SER A 784 33.04 9.88 11.69
CA SER A 784 33.81 11.13 11.75
C SER A 784 32.90 12.27 12.21
N SER A 785 31.70 12.37 11.62
CA SER A 785 30.65 13.36 11.95
C SER A 785 30.16 13.17 13.40
N ILE A 786 29.83 11.92 13.79
CA ILE A 786 29.30 11.57 15.14
C ILE A 786 30.38 11.87 16.20
N VAL A 787 31.59 11.37 16.00
CA VAL A 787 32.74 11.58 16.94
C VAL A 787 32.97 13.09 17.12
N GLY A 788 32.85 13.86 16.02
CA GLY A 788 32.99 15.33 16.03
C GLY A 788 32.08 15.98 17.06
N SER A 789 30.92 15.37 17.33
CA SER A 789 29.82 15.95 18.14
C SER A 789 29.99 15.63 19.63
N LEU A 790 30.68 14.53 19.95
CA LEU A 790 30.98 14.09 21.34
C LEU A 790 31.88 15.15 22.01
#